data_9BR5
#
_entry.id   9BR5
#
_cell.length_a   65.440
_cell.length_b   65.440
_cell.length_c   98.373
_cell.angle_alpha   90.000
_cell.angle_beta   90.000
_cell.angle_gamma   120.000
#
_symmetry.space_group_name_H-M   'P 31'
#
loop_
_entity.id
_entity.type
_entity.pdbx_description
1 polymer 'IL1RAP-specific Fab light chain'
2 polymer 'IL1RAP-specific Fab heavy chain'
#
loop_
_entity_poly.entity_id
_entity_poly.type
_entity_poly.pdbx_seq_one_letter_code
_entity_poly.pdbx_strand_id
1 'polypeptide(L)'
;QIVLTQSPAIMSASPGEKVTMTCSASSTIIYIHWYQQKPGTSPKGWIYDTSKLASGVPARFSGSGSGTSYSLTISSMEAE
DAATYYCHQRTSYPWTFGGGTKLEIKRTVAAPSVFIFPPSDEQLKSGTASVVCLLNNFYPREAKVQWKVDNALQSGNSQE
SVTEQDSKDSTYSLSSTLTLSKADYEKHKVYACEVTHQGLSSPVTKSFNRGEC
;
A
2 'polypeptide(L)'
;QVQLQQSGPELVRPGVSVKISCKGSGYTFTDYAMHWVKQSHGKGLEWIGIISTYSGNTKFHQKFKGKATMTVDKSSSTAY
MELARLTSEDSAIYYCARQGTWYFDVWGAGTTVTVSSASTKGPSVFPLAPSSKSTSGGTAALGCLVKDYFPEPVTVSWNS
GALTSGVHTFPAVLQSSGLYSLSSVVTVPSSSLGTQTYICNVNHKPSNTKVDKRVEPKAC
;
B
#
# COMPACT_ATOMS: atom_id res chain seq x y z
N GLN A 1 -11.67 -9.42 -26.20
CA GLN A 1 -10.61 -9.35 -25.15
C GLN A 1 -10.60 -10.67 -24.38
N ILE A 2 -9.44 -11.32 -24.33
CA ILE A 2 -9.31 -12.60 -23.66
C ILE A 2 -9.25 -12.36 -22.15
N VAL A 3 -10.18 -12.97 -21.42
CA VAL A 3 -10.14 -12.93 -19.96
C VAL A 3 -9.00 -13.84 -19.52
N LEU A 4 -8.59 -13.73 -18.26
CA LEU A 4 -7.55 -14.59 -17.69
C LEU A 4 -7.94 -14.87 -16.24
N THR A 5 -8.83 -15.84 -16.05
CA THR A 5 -9.33 -16.17 -14.71
C THR A 5 -8.25 -16.91 -13.92
N GLN A 6 -7.77 -16.29 -12.86
CA GLN A 6 -6.74 -16.87 -12.00
C GLN A 6 -7.39 -17.53 -10.79
N SER A 7 -6.72 -18.56 -10.26
CA SER A 7 -7.21 -19.22 -9.06
C SER A 7 -6.06 -19.93 -8.36
N PRO A 8 -6.05 -19.98 -7.02
CA PRO A 8 -7.04 -19.39 -6.10
C PRO A 8 -6.86 -17.88 -6.01
N ALA A 9 -7.91 -17.15 -5.63
CA ALA A 9 -7.73 -15.72 -5.37
C ALA A 9 -6.62 -15.50 -4.35
N ILE A 10 -6.51 -16.38 -3.35
CA ILE A 10 -5.59 -16.20 -2.24
C ILE A 10 -5.25 -17.57 -1.68
N MET A 11 -4.00 -17.71 -1.23
CA MET A 11 -3.52 -18.97 -0.69
C MET A 11 -2.28 -18.70 0.16
N SER A 12 -1.99 -19.62 1.09
CA SER A 12 -0.83 -19.52 1.96
C SER A 12 -0.02 -20.80 1.90
N ALA A 13 1.27 -20.66 2.20
CA ALA A 13 2.20 -21.78 2.16
C ALA A 13 3.46 -21.39 2.92
N SER A 14 4.03 -22.36 3.64
CA SER A 14 5.20 -22.12 4.48
C SER A 14 6.46 -22.59 3.78
N PRO A 15 7.62 -22.00 4.16
CA PRO A 15 8.88 -22.39 3.51
C PRO A 15 9.00 -23.88 3.26
N GLY A 16 9.58 -24.23 2.10
CA GLY A 16 9.74 -25.61 1.71
C GLY A 16 8.58 -26.20 0.93
N GLU A 17 7.37 -25.74 1.19
CA GLU A 17 6.21 -26.29 0.53
C GLU A 17 6.22 -25.97 -0.96
N LYS A 18 5.47 -26.77 -1.72
CA LYS A 18 5.30 -26.59 -3.15
C LYS A 18 3.91 -26.04 -3.41
N VAL A 19 3.83 -24.94 -4.16
CA VAL A 19 2.56 -24.31 -4.47
C VAL A 19 2.37 -24.36 -5.99
N THR A 20 1.11 -24.45 -6.41
CA THR A 20 0.75 -24.33 -7.81
C THR A 20 -0.45 -23.39 -7.93
N MET A 21 -0.47 -22.67 -9.05
CA MET A 21 -1.26 -21.45 -9.22
C MET A 21 -1.75 -21.40 -10.66
N THR A 22 -3.05 -21.14 -10.83
CA THR A 22 -3.74 -21.37 -12.08
C THR A 22 -4.08 -20.06 -12.80
N CYS A 23 -4.02 -20.14 -14.12
CA CYS A 23 -4.50 -19.08 -15.01
C CYS A 23 -5.23 -19.73 -16.16
N SER A 24 -6.48 -19.34 -16.37
CA SER A 24 -7.29 -19.84 -17.48
C SER A 24 -7.65 -18.68 -18.40
N ALA A 25 -7.24 -18.77 -19.66
CA ALA A 25 -7.70 -17.85 -20.69
C ALA A 25 -8.97 -18.39 -21.31
N SER A 26 -9.84 -17.49 -21.77
CA SER A 26 -11.12 -17.89 -22.33
C SER A 26 -11.04 -18.12 -23.84
N SER A 27 -9.85 -18.07 -24.42
CA SER A 27 -9.67 -18.37 -25.82
C SER A 27 -8.19 -18.67 -26.03
N THR A 28 -7.92 -19.70 -26.82
CA THR A 28 -6.56 -20.18 -27.01
C THR A 28 -5.60 -19.01 -27.23
N ILE A 29 -4.48 -19.04 -26.51
CA ILE A 29 -3.41 -18.06 -26.64
C ILE A 29 -2.12 -18.84 -26.84
N ILE A 30 -1.11 -18.16 -27.34
CA ILE A 30 0.17 -18.83 -27.60
C ILE A 30 0.93 -19.11 -26.30
N TYR A 31 1.34 -18.06 -25.60
CA TYR A 31 2.07 -18.17 -24.35
C TYR A 31 1.42 -17.23 -23.34
N ILE A 32 1.28 -17.69 -22.09
CA ILE A 32 0.87 -16.85 -20.99
C ILE A 32 2.12 -16.40 -20.24
N HIS A 33 2.15 -15.14 -19.83
CA HIS A 33 3.25 -14.55 -19.09
C HIS A 33 2.78 -14.23 -17.68
N TRP A 34 3.75 -14.07 -16.78
CA TRP A 34 3.45 -13.89 -15.36
C TRP A 34 4.26 -12.73 -14.80
N TYR A 35 3.62 -11.87 -14.01
CA TYR A 35 4.27 -10.76 -13.33
C TYR A 35 4.05 -10.87 -11.84
N GLN A 36 5.00 -10.34 -11.07
CA GLN A 36 4.97 -10.36 -9.62
C GLN A 36 4.89 -8.94 -9.08
N GLN A 37 3.98 -8.70 -8.14
CA GLN A 37 3.85 -7.40 -7.49
C GLN A 37 3.75 -7.62 -5.99
N LYS A 38 4.70 -7.09 -5.25
CA LYS A 38 4.69 -7.05 -3.80
C LYS A 38 4.17 -5.71 -3.32
N PRO A 39 3.66 -5.63 -2.09
CA PRO A 39 2.98 -4.40 -1.66
C PRO A 39 3.92 -3.21 -1.60
N GLY A 40 3.50 -2.11 -2.20
CA GLY A 40 4.30 -0.93 -2.32
C GLY A 40 5.00 -0.76 -3.66
N THR A 41 5.18 -1.85 -4.40
CA THR A 41 6.04 -1.86 -5.57
C THR A 41 5.23 -1.98 -6.86
N SER A 42 5.91 -1.70 -7.97
CA SER A 42 5.39 -1.95 -9.30
C SER A 42 5.54 -3.41 -9.68
N PRO A 43 4.77 -3.87 -10.67
CA PRO A 43 4.99 -5.24 -11.16
C PRO A 43 6.42 -5.47 -11.63
N LYS A 44 6.87 -6.73 -11.62
CA LYS A 44 8.15 -7.13 -12.17
C LYS A 44 7.92 -8.36 -13.06
N GLY A 45 8.57 -8.36 -14.21
CA GLY A 45 8.52 -9.54 -15.05
C GLY A 45 9.02 -10.75 -14.30
N TRP A 46 8.35 -11.89 -14.50
CA TRP A 46 8.73 -13.10 -13.80
C TRP A 46 8.88 -14.30 -14.74
N ILE A 47 7.85 -14.58 -15.53
CA ILE A 47 7.87 -15.68 -16.49
C ILE A 47 7.35 -15.17 -17.83
N TYR A 48 8.11 -15.42 -18.90
CA TYR A 48 7.68 -15.09 -20.25
C TYR A 48 7.73 -16.34 -21.11
N ASP A 49 7.01 -16.28 -22.23
CA ASP A 49 6.88 -17.43 -23.13
C ASP A 49 6.52 -18.68 -22.34
N THR A 50 5.51 -18.54 -21.50
CA THR A 50 4.94 -19.63 -20.71
C THR A 50 5.97 -20.65 -20.24
N SER A 51 7.14 -20.18 -19.82
CA SER A 51 8.11 -21.07 -19.20
C SER A 51 9.41 -20.37 -18.79
N LYS A 52 9.96 -19.55 -19.69
CA LYS A 52 11.25 -18.92 -19.43
C LYS A 52 11.18 -18.02 -18.21
N LEU A 53 12.27 -17.99 -17.45
CA LEU A 53 12.32 -17.23 -16.21
C LEU A 53 13.06 -15.90 -16.43
N ALA A 54 12.47 -14.81 -15.93
CA ALA A 54 13.06 -13.49 -16.07
C ALA A 54 14.41 -13.42 -15.37
N SER A 55 15.09 -12.30 -15.56
CA SER A 55 16.40 -12.10 -14.94
C SER A 55 16.25 -11.96 -13.42
N GLY A 56 17.13 -12.63 -12.69
CA GLY A 56 17.12 -12.58 -11.24
C GLY A 56 16.10 -13.46 -10.56
N VAL A 57 15.45 -14.34 -11.29
CA VAL A 57 14.31 -15.11 -10.79
C VAL A 57 14.79 -16.50 -10.45
N PRO A 58 14.52 -17.04 -9.25
CA PRO A 58 15.08 -18.32 -8.86
C PRO A 58 14.42 -19.49 -9.57
N ALA A 59 15.20 -20.57 -9.73
CA ALA A 59 14.77 -21.74 -10.46
C ALA A 59 13.74 -22.57 -9.72
N ARG A 60 13.38 -22.22 -8.49
CA ARG A 60 12.22 -22.85 -7.87
C ARG A 60 11.01 -22.66 -8.77
N PHE A 61 11.00 -21.57 -9.55
CA PHE A 61 9.85 -21.15 -10.32
C PHE A 61 9.79 -21.87 -11.67
N SER A 62 8.58 -22.26 -12.05
CA SER A 62 8.35 -22.88 -13.35
C SER A 62 6.90 -22.61 -13.76
N GLY A 63 6.66 -22.59 -15.05
CA GLY A 63 5.31 -22.46 -15.58
C GLY A 63 5.13 -23.42 -16.74
N SER A 64 3.90 -23.91 -16.87
CA SER A 64 3.56 -24.89 -17.90
C SER A 64 2.17 -24.58 -18.44
N GLY A 65 1.81 -25.29 -19.50
CA GLY A 65 0.48 -25.21 -20.06
C GLY A 65 0.49 -25.03 -21.56
N SER A 66 -0.70 -25.17 -22.14
CA SER A 66 -0.93 -24.93 -23.55
C SER A 66 -2.42 -24.62 -23.70
N GLY A 67 -2.80 -24.14 -24.87
CA GLY A 67 -4.20 -23.87 -25.15
C GLY A 67 -4.77 -22.78 -24.29
N THR A 68 -5.58 -23.13 -23.29
CA THR A 68 -6.33 -22.14 -22.52
C THR A 68 -6.23 -22.39 -21.03
N SER A 69 -5.15 -23.01 -20.57
CA SER A 69 -5.00 -23.31 -19.15
C SER A 69 -3.51 -23.43 -18.84
N TYR A 70 -3.02 -22.59 -17.93
CA TYR A 70 -1.59 -22.47 -17.65
C TYR A 70 -1.40 -22.46 -16.14
N SER A 71 -0.17 -22.80 -15.73
CA SER A 71 0.15 -22.94 -14.32
C SER A 71 1.50 -22.28 -14.04
N LEU A 72 1.67 -21.84 -12.79
CA LEU A 72 2.94 -21.41 -12.25
C LEU A 72 3.19 -22.21 -10.98
N THR A 73 4.46 -22.52 -10.72
CA THR A 73 4.79 -23.37 -9.59
C THR A 73 6.12 -22.96 -8.98
N ILE A 74 6.16 -22.83 -7.65
CA ILE A 74 7.41 -22.75 -6.91
C ILE A 74 7.71 -24.13 -6.34
N SER A 75 8.91 -24.65 -6.62
CA SER A 75 9.25 -25.99 -6.16
C SER A 75 9.24 -26.05 -4.63
N SER A 76 10.00 -25.17 -3.98
CA SER A 76 9.96 -25.02 -2.53
C SER A 76 9.79 -23.53 -2.21
N MET A 77 8.75 -23.21 -1.46
CA MET A 77 8.47 -21.82 -1.12
C MET A 77 9.60 -21.28 -0.24
N GLU A 78 9.90 -20.00 -0.42
CA GLU A 78 10.80 -19.25 0.45
C GLU A 78 10.06 -18.00 0.94
N ALA A 79 10.68 -17.32 1.92
CA ALA A 79 10.05 -16.13 2.48
C ALA A 79 9.72 -15.11 1.40
N GLU A 80 10.70 -14.79 0.55
CA GLU A 80 10.57 -13.67 -0.38
C GLU A 80 9.56 -13.90 -1.49
N ASP A 81 8.98 -15.09 -1.60
CA ASP A 81 8.08 -15.37 -2.70
C ASP A 81 6.67 -14.86 -2.46
N ALA A 82 6.32 -14.54 -1.21
CA ALA A 82 4.98 -14.04 -0.93
C ALA A 82 4.74 -12.73 -1.69
N ALA A 83 3.82 -12.78 -2.65
CA ALA A 83 3.51 -11.62 -3.49
C ALA A 83 2.13 -11.86 -4.10
N THR A 84 1.72 -10.97 -5.00
CA THR A 84 0.57 -11.20 -5.86
C THR A 84 1.08 -11.44 -7.27
N TYR A 85 0.55 -12.47 -7.92
CA TYR A 85 1.06 -12.94 -9.20
C TYR A 85 -0.02 -12.77 -10.26
N TYR A 86 0.29 -12.03 -11.31
CA TYR A 86 -0.64 -11.72 -12.37
C TYR A 86 -0.23 -12.45 -13.63
N CYS A 87 -1.18 -13.13 -14.29
CA CYS A 87 -0.92 -13.67 -15.61
C CYS A 87 -1.35 -12.67 -16.67
N HIS A 88 -0.86 -12.87 -17.90
CA HIS A 88 -0.84 -11.82 -18.91
C HIS A 88 -0.76 -12.46 -20.28
N GLN A 89 -1.58 -11.98 -21.23
CA GLN A 89 -1.57 -12.48 -22.60
C GLN A 89 -1.26 -11.33 -23.54
N ARG A 90 -0.24 -11.52 -24.37
CA ARG A 90 0.16 -10.56 -25.39
C ARG A 90 -0.16 -11.06 -26.79
N THR A 91 -1.12 -11.97 -26.91
CA THR A 91 -1.33 -12.73 -28.13
C THR A 91 -2.50 -12.29 -28.97
N SER A 92 -3.48 -11.61 -28.38
CA SER A 92 -4.52 -10.89 -29.12
C SER A 92 -4.76 -9.57 -28.41
N TYR A 93 -5.23 -8.55 -29.19
CA TYR A 93 -5.51 -7.26 -28.57
C TYR A 93 -6.95 -7.19 -28.08
N PRO A 94 -7.21 -6.45 -27.00
CA PRO A 94 -6.23 -5.68 -26.21
C PRO A 94 -5.51 -6.61 -25.26
N TRP A 95 -4.23 -6.35 -24.97
CA TRP A 95 -3.52 -7.15 -23.98
C TRP A 95 -4.22 -7.05 -22.63
N THR A 96 -4.24 -8.17 -21.90
CA THR A 96 -5.03 -8.23 -20.68
C THR A 96 -4.24 -8.96 -19.61
N PHE A 97 -4.56 -8.64 -18.36
CA PHE A 97 -3.99 -9.29 -17.19
C PHE A 97 -5.07 -10.08 -16.46
N GLY A 98 -4.66 -11.14 -15.79
CA GLY A 98 -5.56 -11.87 -14.93
C GLY A 98 -5.88 -11.08 -13.68
N GLY A 99 -6.78 -11.65 -12.87
CA GLY A 99 -7.18 -11.00 -11.63
C GLY A 99 -6.16 -11.07 -10.52
N GLY A 100 -5.20 -11.96 -10.63
CA GLY A 100 -4.14 -12.08 -9.65
C GLY A 100 -4.42 -13.19 -8.67
N THR A 101 -3.34 -13.78 -8.15
CA THR A 101 -3.40 -14.72 -7.04
C THR A 101 -2.47 -14.23 -5.95
N LYS A 102 -3.04 -13.91 -4.78
CA LYS A 102 -2.26 -13.38 -3.67
C LYS A 102 -1.69 -14.54 -2.86
N LEU A 103 -0.36 -14.57 -2.74
CA LEU A 103 0.36 -15.65 -2.09
C LEU A 103 1.00 -15.11 -0.83
N GLU A 104 0.54 -15.61 0.32
CA GLU A 104 1.02 -15.18 1.62
C GLU A 104 1.78 -16.30 2.33
N ILE A 105 2.68 -15.92 3.24
CA ILE A 105 3.49 -16.88 3.98
C ILE A 105 2.66 -17.45 5.12
N LYS A 106 2.62 -18.77 5.23
CA LYS A 106 1.93 -19.46 6.31
C LYS A 106 2.89 -19.69 7.46
N ARG A 107 2.45 -19.34 8.67
CA ARG A 107 3.29 -19.47 9.85
C ARG A 107 2.41 -19.77 11.07
N THR A 108 3.04 -19.88 12.23
CA THR A 108 2.32 -20.23 13.44
C THR A 108 1.53 -19.03 13.95
N VAL A 109 0.40 -19.33 14.58
CA VAL A 109 -0.37 -18.28 15.23
C VAL A 109 0.55 -17.52 16.17
N ALA A 110 0.38 -16.20 16.25
CA ALA A 110 1.14 -15.35 17.15
C ALA A 110 0.22 -14.25 17.66
N ALA A 111 0.26 -13.98 18.96
CA ALA A 111 -0.69 -13.05 19.56
C ALA A 111 -0.24 -11.61 19.39
N PRO A 112 -1.19 -10.68 19.30
CA PRO A 112 -0.82 -9.28 19.16
C PRO A 112 -0.33 -8.70 20.48
N SER A 113 0.74 -7.91 20.40
CA SER A 113 1.06 -6.98 21.48
C SER A 113 0.14 -5.78 21.34
N VAL A 114 -0.67 -5.51 22.37
CA VAL A 114 -1.74 -4.50 22.30
C VAL A 114 -1.30 -3.26 23.06
N PHE A 115 -1.35 -2.12 22.37
CA PHE A 115 -0.97 -0.83 22.95
C PHE A 115 -2.07 0.18 22.69
N ILE A 116 -2.20 1.15 23.59
CA ILE A 116 -3.24 2.17 23.50
C ILE A 116 -2.57 3.52 23.69
N PHE A 117 -2.87 4.46 22.78
CA PHE A 117 -2.32 5.80 22.81
C PHE A 117 -3.44 6.82 23.02
N PRO A 118 -3.45 7.58 24.11
CA PRO A 118 -4.46 8.64 24.25
C PRO A 118 -4.24 9.73 23.23
N PRO A 119 -5.16 10.70 23.13
CA PRO A 119 -4.96 11.81 22.20
C PRO A 119 -3.87 12.75 22.72
N SER A 120 -3.15 13.36 21.79
CA SER A 120 -2.05 14.24 22.16
C SER A 120 -2.55 15.53 22.79
N ASP A 121 -1.70 16.13 23.61
CA ASP A 121 -1.93 17.51 24.02
C ASP A 121 -2.26 18.37 22.81
N GLU A 122 -1.44 18.26 21.77
CA GLU A 122 -1.60 19.04 20.55
C GLU A 122 -3.02 18.93 20.01
N GLN A 123 -3.45 17.71 19.73
CA GLN A 123 -4.72 17.54 19.04
C GLN A 123 -5.91 17.96 19.89
N LEU A 124 -5.85 17.76 21.21
CA LEU A 124 -6.96 18.19 22.05
C LEU A 124 -7.11 19.72 22.02
N LYS A 125 -6.03 20.45 21.76
CA LYS A 125 -6.15 21.89 21.60
C LYS A 125 -7.05 22.22 20.41
N SER A 126 -6.97 21.42 19.35
N SER A 126 -6.97 21.42 19.35
CA SER A 126 -7.76 21.67 18.14
CA SER A 126 -7.76 21.67 18.14
C SER A 126 -9.21 21.26 18.28
C SER A 126 -9.23 21.34 18.31
N GLY A 127 -9.63 20.77 19.44
CA GLY A 127 -11.01 20.41 19.64
C GLY A 127 -11.42 19.06 19.09
N THR A 128 -10.49 18.13 18.97
CA THR A 128 -10.77 16.76 18.54
C THR A 128 -9.91 15.84 19.37
N ALA A 129 -10.32 14.58 19.48
CA ALA A 129 -9.63 13.61 20.32
C ALA A 129 -9.58 12.27 19.59
N SER A 130 -8.41 11.90 19.10
CA SER A 130 -8.20 10.62 18.45
C SER A 130 -7.48 9.68 19.41
N VAL A 131 -8.09 8.55 19.72
CA VAL A 131 -7.50 7.50 20.55
CA VAL A 131 -7.46 7.53 20.54
C VAL A 131 -7.11 6.36 19.64
N VAL A 132 -5.86 5.92 19.71
CA VAL A 132 -5.29 4.92 18.81
C VAL A 132 -4.94 3.67 19.60
N CYS A 133 -5.39 2.53 19.09
CA CYS A 133 -5.06 1.22 19.67
C CYS A 133 -4.30 0.42 18.63
N LEU A 134 -3.18 -0.16 19.03
CA LEU A 134 -2.22 -0.78 18.12
C LEU A 134 -2.07 -2.26 18.45
N LEU A 135 -2.28 -3.10 17.44
CA LEU A 135 -2.09 -4.56 17.56
C LEU A 135 -0.88 -4.92 16.72
N ASN A 136 0.24 -5.21 17.38
CA ASN A 136 1.53 -5.30 16.71
C ASN A 136 1.97 -6.74 16.60
N ASN A 137 2.35 -7.15 15.38
CA ASN A 137 3.03 -8.41 15.10
C ASN A 137 2.23 -9.62 15.61
N PHE A 138 1.13 -9.88 14.90
CA PHE A 138 0.27 -11.03 15.18
C PHE A 138 0.03 -11.82 13.89
N TYR A 139 -0.55 -13.02 14.06
CA TYR A 139 -0.86 -13.93 12.96
C TYR A 139 -1.96 -14.90 13.44
N PRO A 140 -3.01 -15.16 12.65
CA PRO A 140 -3.28 -14.70 11.28
C PRO A 140 -3.91 -13.31 11.21
N ARG A 141 -4.35 -12.88 10.03
CA ARG A 141 -4.82 -11.50 9.85
C ARG A 141 -6.17 -11.27 10.51
N GLU A 142 -7.01 -12.29 10.56
CA GLU A 142 -8.30 -12.15 11.21
C GLU A 142 -8.13 -11.69 12.64
N ALA A 143 -8.69 -10.51 12.96
CA ALA A 143 -8.66 -9.98 14.31
C ALA A 143 -9.90 -9.12 14.50
N LYS A 144 -10.24 -8.87 15.76
CA LYS A 144 -11.43 -8.08 16.09
C LYS A 144 -11.11 -7.09 17.18
N VAL A 145 -11.33 -5.80 16.89
CA VAL A 145 -11.09 -4.71 17.83
C VAL A 145 -12.42 -4.06 18.16
N GLN A 146 -12.79 -4.08 19.44
CA GLN A 146 -14.01 -3.43 19.91
C GLN A 146 -13.60 -2.32 20.89
N TRP A 147 -14.20 -1.15 20.72
CA TRP A 147 -13.91 0.00 21.56
C TRP A 147 -15.00 0.14 22.61
N LYS A 148 -14.60 0.31 23.87
CA LYS A 148 -15.55 0.50 24.96
C LYS A 148 -15.17 1.74 25.76
N VAL A 149 -16.13 2.64 25.94
CA VAL A 149 -15.90 3.90 26.65
C VAL A 149 -16.84 3.92 27.84
N ASP A 150 -16.28 3.86 29.04
CA ASP A 150 -17.08 3.60 30.24
C ASP A 150 -17.93 2.34 30.07
N ASN A 151 -17.38 1.36 29.37
CA ASN A 151 -18.03 0.07 29.11
C ASN A 151 -19.22 0.19 28.17
N ALA A 152 -19.31 1.28 27.42
CA ALA A 152 -20.32 1.44 26.38
C ALA A 152 -19.69 1.12 25.04
N LEU A 153 -20.11 0.01 24.41
CA LEU A 153 -19.60 -0.32 23.10
C LEU A 153 -19.76 0.87 22.16
N GLN A 154 -18.74 1.10 21.34
CA GLN A 154 -18.73 2.15 20.35
C GLN A 154 -19.02 1.59 18.97
N SER A 155 -19.77 2.35 18.18
CA SER A 155 -20.12 1.94 16.82
CA SER A 155 -20.14 1.94 16.83
C SER A 155 -20.20 3.17 15.93
N GLY A 156 -19.54 3.10 14.78
CA GLY A 156 -19.57 4.15 13.80
C GLY A 156 -18.46 5.18 13.90
N ASN A 157 -17.71 5.19 14.99
CA ASN A 157 -16.72 6.23 15.23
C ASN A 157 -15.31 5.68 15.31
N SER A 158 -15.05 4.56 14.64
CA SER A 158 -13.71 3.99 14.60
C SER A 158 -13.40 3.51 13.19
N GLN A 159 -12.11 3.33 12.93
CA GLN A 159 -11.60 3.00 11.61
C GLN A 159 -10.33 2.20 11.79
N GLU A 160 -10.08 1.28 10.86
CA GLU A 160 -9.00 0.30 11.00
C GLU A 160 -8.14 0.23 9.76
N SER A 161 -6.91 -0.24 9.97
CA SER A 161 -5.92 -0.37 8.91
C SER A 161 -4.98 -1.51 9.27
N VAL A 162 -4.67 -2.35 8.28
CA VAL A 162 -3.85 -3.55 8.50
CA VAL A 162 -3.87 -3.56 8.48
C VAL A 162 -2.67 -3.52 7.54
N THR A 163 -1.47 -3.70 8.09
CA THR A 163 -0.30 -3.77 7.24
C THR A 163 -0.26 -5.10 6.50
N GLU A 164 0.55 -5.13 5.44
CA GLU A 164 0.80 -6.39 4.77
C GLU A 164 1.82 -7.18 5.59
N GLN A 165 2.00 -8.45 5.21
CA GLN A 165 2.82 -9.39 5.94
C GLN A 165 4.24 -8.89 6.07
N ASP A 166 4.72 -8.79 7.30
CA ASP A 166 6.08 -8.28 7.56
C ASP A 166 7.11 -9.17 6.90
N SER A 167 8.19 -8.54 6.41
CA SER A 167 9.22 -9.28 5.69
C SER A 167 10.08 -10.12 6.62
N LYS A 168 10.26 -9.68 7.88
CA LYS A 168 11.15 -10.40 8.78
C LYS A 168 10.45 -11.58 9.46
N ASP A 169 9.26 -11.37 10.03
CA ASP A 169 8.63 -12.39 10.85
C ASP A 169 7.31 -12.88 10.26
N SER A 170 6.84 -12.31 9.15
CA SER A 170 5.64 -12.81 8.47
C SER A 170 4.37 -12.60 9.31
N THR A 171 4.32 -11.53 10.07
CA THR A 171 3.15 -11.18 10.85
C THR A 171 2.45 -9.98 10.24
N TYR A 172 1.26 -9.68 10.76
CA TYR A 172 0.53 -8.47 10.44
C TYR A 172 0.48 -7.54 11.64
N SER A 173 0.26 -6.25 11.39
CA SER A 173 -0.03 -5.28 12.43
C SER A 173 -1.31 -4.54 12.06
N LEU A 174 -1.96 -3.97 13.06
CA LEU A 174 -3.22 -3.29 12.88
C LEU A 174 -3.27 -2.08 13.80
N SER A 175 -3.78 -0.96 13.27
CA SER A 175 -4.02 0.23 14.07
C SER A 175 -5.47 0.65 13.91
N SER A 176 -6.09 1.06 15.02
CA SER A 176 -7.49 1.47 15.03
C SER A 176 -7.60 2.83 15.72
N THR A 177 -8.36 3.74 15.14
CA THR A 177 -8.53 5.09 15.70
C THR A 177 -9.99 5.33 16.04
N LEU A 178 -10.27 5.51 17.32
CA LEU A 178 -11.58 5.97 17.80
C LEU A 178 -11.50 7.48 17.92
N THR A 179 -12.30 8.18 17.12
CA THR A 179 -12.24 9.63 17.03
C THR A 179 -13.48 10.24 17.67
N LEU A 180 -13.26 11.31 18.43
CA LEU A 180 -14.33 11.93 19.21
C LEU A 180 -14.09 13.41 19.38
N SER A 181 -15.18 14.18 19.40
CA SER A 181 -15.08 15.56 19.85
C SER A 181 -14.45 15.59 21.22
N LYS A 182 -13.71 16.66 21.51
CA LYS A 182 -13.16 16.86 22.85
C LYS A 182 -14.26 17.01 23.90
N ALA A 183 -15.41 17.54 23.51
CA ALA A 183 -16.55 17.59 24.44
C ALA A 183 -16.99 16.19 24.83
N ASP A 184 -17.15 15.30 23.84
CA ASP A 184 -17.49 13.91 24.13
C ASP A 184 -16.36 13.24 24.89
N TYR A 185 -15.11 13.40 24.42
CA TYR A 185 -13.98 12.75 25.07
C TYR A 185 -13.92 13.11 26.55
N GLU A 186 -14.11 14.39 26.89
CA GLU A 186 -14.01 14.84 28.28
C GLU A 186 -15.20 14.42 29.14
N LYS A 187 -16.20 13.75 28.56
CA LYS A 187 -17.36 13.28 29.31
C LYS A 187 -17.12 11.95 30.02
N HIS A 188 -16.05 11.23 29.69
CA HIS A 188 -15.90 9.84 30.10
C HIS A 188 -14.50 9.58 30.66
N LYS A 189 -14.37 8.45 31.36
CA LYS A 189 -13.14 8.10 32.06
C LYS A 189 -12.39 6.97 31.33
N VAL A 190 -12.90 5.75 31.34
CA VAL A 190 -12.14 4.60 30.87
C VAL A 190 -12.31 4.48 29.36
N TYR A 191 -11.19 4.47 28.65
CA TYR A 191 -11.16 4.22 27.22
C TYR A 191 -10.42 2.91 27.03
N ALA A 192 -11.13 1.91 26.52
CA ALA A 192 -10.61 0.56 26.38
C ALA A 192 -10.72 0.07 24.95
N CYS A 193 -9.71 -0.71 24.53
CA CYS A 193 -9.67 -1.37 23.23
CA CYS A 193 -9.71 -1.37 23.24
C CYS A 193 -9.57 -2.86 23.50
N GLU A 194 -10.61 -3.61 23.13
CA GLU A 194 -10.73 -5.04 23.41
C GLU A 194 -10.44 -5.83 22.15
N VAL A 195 -9.49 -6.74 22.22
CA VAL A 195 -8.97 -7.45 21.07
C VAL A 195 -9.33 -8.92 21.19
N THR A 196 -9.88 -9.49 20.11
CA THR A 196 -10.16 -10.91 20.01
C THR A 196 -9.37 -11.50 18.85
N HIS A 197 -8.60 -12.56 19.11
CA HIS A 197 -7.69 -13.09 18.11
C HIS A 197 -7.31 -14.51 18.49
N GLN A 198 -7.00 -15.31 17.46
CA GLN A 198 -6.78 -16.73 17.69
C GLN A 198 -5.62 -16.98 18.65
N GLY A 199 -4.62 -16.12 18.64
CA GLY A 199 -3.49 -16.26 19.57
C GLY A 199 -3.83 -15.95 21.01
N LEU A 200 -5.09 -15.62 21.30
CA LEU A 200 -5.54 -15.27 22.63
C LEU A 200 -6.66 -16.22 23.03
N SER A 201 -6.58 -16.78 24.24
CA SER A 201 -7.61 -17.71 24.71
C SER A 201 -8.86 -16.98 25.17
N SER A 202 -8.74 -15.74 25.62
CA SER A 202 -9.87 -14.87 25.88
C SER A 202 -9.42 -13.44 25.57
N PRO A 203 -10.36 -12.54 25.28
CA PRO A 203 -9.98 -11.22 24.75
C PRO A 203 -9.10 -10.45 25.72
N VAL A 204 -8.06 -9.81 25.16
CA VAL A 204 -7.22 -8.87 25.89
C VAL A 204 -7.90 -7.51 25.84
N THR A 205 -7.96 -6.84 26.98
CA THR A 205 -8.45 -5.45 27.06
C THR A 205 -7.31 -4.55 27.52
N LYS A 206 -7.08 -3.48 26.77
CA LYS A 206 -6.04 -2.50 27.08
C LYS A 206 -6.75 -1.16 27.22
N SER A 207 -6.46 -0.44 28.30
CA SER A 207 -7.26 0.73 28.63
C SER A 207 -6.40 1.77 29.33
N PHE A 208 -7.01 2.94 29.55
CA PHE A 208 -6.36 4.03 30.27
C PHE A 208 -7.47 4.91 30.82
N ASN A 209 -7.29 5.38 32.06
CA ASN A 209 -8.19 6.37 32.63
C ASN A 209 -7.82 7.74 32.06
N ARG A 210 -8.81 8.47 31.57
CA ARG A 210 -8.59 9.80 31.03
C ARG A 210 -7.77 10.67 31.96
N GLY A 211 -6.54 10.99 31.55
CA GLY A 211 -5.70 11.89 32.29
C GLY A 211 -4.53 11.25 33.05
N GLU A 212 -4.24 9.97 32.83
CA GLU A 212 -3.19 9.28 33.59
C GLU A 212 -1.98 9.09 32.67
N CYS A 213 -1.05 10.03 32.76
CA CYS A 213 0.23 10.00 32.05
C CYS A 213 1.00 8.70 32.25
N GLN B 1 21.31 5.59 -13.50
CA GLN B 1 21.09 4.24 -14.12
C GLN B 1 19.68 4.12 -14.67
N VAL B 2 19.29 2.91 -15.06
CA VAL B 2 18.00 2.69 -15.72
C VAL B 2 16.87 2.92 -14.73
N GLN B 3 15.88 3.70 -15.14
CA GLN B 3 14.90 4.25 -14.20
C GLN B 3 13.83 5.01 -14.98
N LEU B 4 12.58 4.64 -14.79
CA LEU B 4 11.45 5.37 -15.35
C LEU B 4 10.87 6.27 -14.27
N GLN B 5 10.83 7.57 -14.53
CA GLN B 5 10.53 8.55 -13.51
C GLN B 5 9.23 9.26 -13.88
N GLN B 6 8.20 9.02 -13.09
CA GLN B 6 6.87 9.52 -13.39
C GLN B 6 6.59 10.79 -12.60
N SER B 7 5.62 11.56 -13.11
CA SER B 7 5.17 12.75 -12.41
C SER B 7 4.51 12.39 -11.08
N GLY B 8 4.38 13.40 -10.23
CA GLY B 8 3.91 13.18 -8.87
C GLY B 8 2.42 13.04 -8.79
N PRO B 9 1.88 12.98 -7.57
CA PRO B 9 0.44 12.76 -7.41
C PRO B 9 -0.34 13.95 -7.93
N GLU B 10 -1.44 13.66 -8.64
CA GLU B 10 -2.26 14.69 -9.27
C GLU B 10 -3.68 14.59 -8.75
N LEU B 11 -4.33 15.76 -8.63
CA LEU B 11 -5.71 15.89 -8.19
C LEU B 11 -6.39 16.83 -9.16
N VAL B 12 -7.43 16.34 -9.84
CA VAL B 12 -8.04 17.08 -10.95
C VAL B 12 -9.56 16.99 -10.87
N ARG B 13 -10.20 18.12 -11.17
CA ARG B 13 -11.65 18.22 -11.11
C ARG B 13 -12.28 17.29 -12.15
N PRO B 14 -13.48 16.77 -11.86
CA PRO B 14 -14.23 16.02 -12.89
C PRO B 14 -14.30 16.80 -14.19
N GLY B 15 -14.46 16.10 -15.31
CA GLY B 15 -14.67 16.79 -16.57
C GLY B 15 -13.41 17.24 -17.28
N VAL B 16 -12.56 18.00 -16.60
CA VAL B 16 -11.33 18.50 -17.19
C VAL B 16 -10.38 17.32 -17.47
N SER B 17 -9.09 17.60 -17.59
CA SER B 17 -8.16 16.62 -18.11
C SER B 17 -6.79 16.76 -17.47
N VAL B 18 -5.98 15.70 -17.59
CA VAL B 18 -4.71 15.57 -16.89
C VAL B 18 -3.71 14.84 -17.78
N LYS B 19 -2.45 15.27 -17.74
CA LYS B 19 -1.34 14.61 -18.42
C LYS B 19 -0.26 14.26 -17.41
N ILE B 20 0.33 13.06 -17.55
CA ILE B 20 1.39 12.59 -16.67
C ILE B 20 2.61 12.18 -17.49
N SER B 21 3.79 12.31 -16.88
CA SER B 21 5.06 12.13 -17.55
C SER B 21 5.70 10.81 -17.14
N CYS B 22 6.67 10.38 -17.95
CA CYS B 22 7.42 9.15 -17.69
C CYS B 22 8.73 9.28 -18.43
N LYS B 23 9.77 9.74 -17.74
CA LYS B 23 11.06 9.98 -18.36
C LYS B 23 11.97 8.76 -18.22
N GLY B 24 12.39 8.20 -19.35
CA GLY B 24 13.38 7.14 -19.33
C GLY B 24 14.76 7.71 -19.12
N SER B 25 15.41 7.36 -18.00
CA SER B 25 16.75 7.80 -17.70
C SER B 25 17.72 6.63 -17.72
N GLY B 26 18.97 6.94 -18.02
CA GLY B 26 20.04 5.96 -17.95
C GLY B 26 20.26 5.12 -19.19
N TYR B 27 19.40 5.25 -20.19
CA TYR B 27 19.47 4.42 -21.37
C TYR B 27 18.95 5.21 -22.55
N THR B 28 19.29 4.75 -23.76
CA THR B 28 18.74 5.34 -24.98
C THR B 28 17.23 5.21 -25.00
N PHE B 29 16.52 6.34 -24.93
CA PHE B 29 15.07 6.32 -24.75
C PHE B 29 14.37 5.78 -25.99
N THR B 30 14.88 6.09 -27.18
CA THR B 30 14.17 5.71 -28.41
C THR B 30 14.19 4.20 -28.65
N ASP B 31 15.09 3.46 -28.01
CA ASP B 31 15.26 2.05 -28.32
C ASP B 31 14.13 1.17 -27.79
N TYR B 32 13.20 1.71 -27.02
CA TYR B 32 12.24 0.87 -26.32
C TYR B 32 10.85 1.49 -26.39
N ALA B 33 9.87 0.70 -26.83
CA ALA B 33 8.48 1.14 -26.80
C ALA B 33 7.99 1.24 -25.35
N MET B 34 7.15 2.23 -25.09
CA MET B 34 6.69 2.55 -23.73
C MET B 34 5.20 2.28 -23.65
N HIS B 35 4.78 1.56 -22.62
CA HIS B 35 3.38 1.27 -22.36
C HIS B 35 2.85 2.07 -21.17
N TRP B 36 1.54 1.94 -20.92
CA TRP B 36 0.91 2.47 -19.71
C TRP B 36 -0.08 1.44 -19.17
N VAL B 37 -0.30 1.47 -17.85
CA VAL B 37 -1.12 0.49 -17.15
C VAL B 37 -1.83 1.16 -15.98
N LYS B 38 -3.06 0.74 -15.73
CA LYS B 38 -3.92 1.35 -14.73
C LYS B 38 -4.24 0.31 -13.67
N GLN B 39 -3.61 0.43 -12.50
CA GLN B 39 -3.96 -0.39 -11.34
C GLN B 39 -5.14 0.29 -10.64
N SER B 40 -6.35 -0.20 -10.94
CA SER B 40 -7.56 0.50 -10.53
C SER B 40 -7.56 0.87 -9.05
N HIS B 41 -6.92 0.07 -8.21
CA HIS B 41 -6.89 0.36 -6.77
C HIS B 41 -5.76 -0.39 -6.09
N GLY B 44 -4.93 -4.99 -9.21
CA GLY B 44 -5.36 -5.46 -10.51
C GLY B 44 -4.95 -4.55 -11.66
N LEU B 45 -4.17 -5.09 -12.59
CA LEU B 45 -3.62 -4.32 -13.68
C LEU B 45 -4.58 -4.31 -14.87
N GLU B 46 -4.44 -3.27 -15.70
CA GLU B 46 -5.28 -3.12 -16.88
C GLU B 46 -4.51 -2.35 -17.94
N TRP B 47 -4.10 -3.05 -18.99
CA TRP B 47 -3.32 -2.45 -20.07
C TRP B 47 -4.09 -1.33 -20.75
N ILE B 48 -3.42 -0.20 -20.92
CA ILE B 48 -3.99 0.95 -21.63
C ILE B 48 -3.53 0.98 -23.08
N GLY B 49 -2.22 0.95 -23.33
CA GLY B 49 -1.76 0.90 -24.71
C GLY B 49 -0.27 1.10 -24.87
N ILE B 50 0.13 1.42 -26.11
CA ILE B 50 1.52 1.49 -26.51
C ILE B 50 1.80 2.81 -27.22
N ILE B 51 3.03 3.30 -27.07
CA ILE B 51 3.55 4.35 -27.93
C ILE B 51 5.03 4.06 -28.19
N SER B 52 5.38 3.92 -29.46
CA SER B 52 6.77 3.71 -29.85
C SER B 52 7.53 5.01 -29.68
N THR B 53 8.44 5.04 -28.69
CA THR B 53 9.34 6.19 -28.56
C THR B 53 9.97 6.56 -29.89
N TYR B 54 10.06 5.62 -30.82
CA TYR B 54 10.77 5.80 -32.09
C TYR B 54 9.87 6.42 -33.15
N SER B 55 8.76 5.76 -33.49
CA SER B 55 7.90 6.26 -34.56
C SER B 55 6.86 7.26 -34.07
N GLY B 56 6.27 7.00 -32.90
CA GLY B 56 5.23 7.84 -32.37
C GLY B 56 3.83 7.30 -32.54
N ASN B 57 3.67 6.22 -33.30
CA ASN B 57 2.36 5.62 -33.48
C ASN B 57 1.93 4.89 -32.21
N THR B 58 0.61 4.67 -32.10
CA THR B 58 0.06 4.14 -30.86
C THR B 58 -1.06 3.14 -31.15
N LYS B 59 -1.25 2.22 -30.21
CA LYS B 59 -2.42 1.35 -30.15
C LYS B 59 -3.01 1.45 -28.76
N PHE B 60 -4.34 1.30 -28.67
CA PHE B 60 -5.04 1.50 -27.42
C PHE B 60 -5.96 0.32 -27.10
N HIS B 61 -6.15 0.07 -25.80
CA HIS B 61 -7.33 -0.64 -25.33
C HIS B 61 -8.56 0.10 -25.83
N GLN B 62 -9.45 -0.63 -26.48
CA GLN B 62 -10.65 0.03 -26.96
C GLN B 62 -11.17 0.95 -25.85
N LYS B 63 -11.43 0.36 -24.67
CA LYS B 63 -12.21 1.05 -23.65
C LYS B 63 -11.63 2.42 -23.30
N PHE B 64 -10.36 2.67 -23.65
CA PHE B 64 -9.68 3.92 -23.32
C PHE B 64 -9.62 4.88 -24.50
N LYS B 65 -10.06 4.48 -25.68
CA LYS B 65 -10.19 5.42 -26.79
C LYS B 65 -11.25 6.46 -26.45
N GLY B 66 -10.89 7.73 -26.57
CA GLY B 66 -11.78 8.80 -26.18
C GLY B 66 -11.15 9.70 -25.14
N LYS B 67 -10.51 9.07 -24.15
CA LYS B 67 -9.80 9.80 -23.11
C LYS B 67 -8.29 9.64 -23.22
N ALA B 68 -7.81 8.40 -23.27
CA ALA B 68 -6.37 8.15 -23.24
C ALA B 68 -5.72 8.56 -24.56
N THR B 69 -4.62 9.30 -24.48
CA THR B 69 -3.89 9.80 -25.64
C THR B 69 -2.43 9.96 -25.24
N MET B 70 -1.53 9.54 -26.12
CA MET B 70 -0.11 9.42 -25.76
C MET B 70 0.76 10.23 -26.70
N THR B 71 1.70 10.97 -26.12
CA THR B 71 2.69 11.74 -26.86
C THR B 71 4.08 11.26 -26.43
N VAL B 72 5.10 11.65 -27.19
CA VAL B 72 6.49 11.59 -26.73
C VAL B 72 7.21 12.86 -27.14
N ASP B 73 8.15 13.31 -26.30
CA ASP B 73 9.08 14.39 -26.61
C ASP B 73 10.47 13.76 -26.56
N LYS B 74 11.04 13.52 -27.75
CA LYS B 74 12.32 12.82 -27.81
C LYS B 74 13.45 13.62 -27.17
N SER B 75 13.36 14.95 -27.18
CA SER B 75 14.46 15.80 -26.73
C SER B 75 14.57 15.86 -25.21
N SER B 76 13.54 15.45 -24.47
CA SER B 76 13.62 15.31 -23.03
C SER B 76 13.55 13.85 -22.60
N SER B 77 13.38 12.93 -23.57
CA SER B 77 13.30 11.50 -23.27
C SER B 77 12.15 11.21 -22.33
N THR B 78 11.01 11.84 -22.60
CA THR B 78 9.84 11.76 -21.74
C THR B 78 8.64 11.29 -22.54
N ALA B 79 7.95 10.27 -22.04
CA ALA B 79 6.68 9.82 -22.59
C ALA B 79 5.54 10.47 -21.82
N TYR B 80 4.45 10.75 -22.52
CA TYR B 80 3.31 11.45 -21.93
C TYR B 80 2.03 10.67 -22.20
N MET B 81 1.17 10.60 -21.19
CA MET B 81 -0.19 10.10 -21.32
C MET B 81 -1.13 11.19 -20.86
N GLU B 82 -2.26 11.35 -21.57
CA GLU B 82 -3.30 12.30 -21.20
C GLU B 82 -4.65 11.58 -21.17
N LEU B 83 -5.33 11.62 -20.02
CA LEU B 83 -6.70 11.15 -19.88
C LEU B 83 -7.61 12.38 -19.85
N ALA B 84 -8.77 12.27 -20.49
CA ALA B 84 -9.69 13.38 -20.63
C ALA B 84 -11.10 12.98 -20.17
N ARG B 85 -11.96 13.99 -19.99
CA ARG B 85 -13.33 13.78 -19.52
C ARG B 85 -13.33 13.02 -18.19
N LEU B 86 -12.59 13.57 -17.23
CA LEU B 86 -12.23 12.78 -16.05
C LEU B 86 -13.43 12.51 -15.16
N THR B 87 -13.56 11.26 -14.74
CA THR B 87 -14.61 10.78 -13.85
C THR B 87 -13.96 10.10 -12.64
N SER B 88 -14.81 9.60 -11.73
CA SER B 88 -14.31 8.82 -10.61
C SER B 88 -13.69 7.51 -11.07
N GLU B 89 -14.13 7.00 -12.21
CA GLU B 89 -13.56 5.76 -12.73
C GLU B 89 -12.06 5.89 -12.99
N ASP B 90 -11.59 7.12 -13.22
CA ASP B 90 -10.21 7.37 -13.58
C ASP B 90 -9.33 7.56 -12.37
N SER B 91 -9.89 7.56 -11.17
CA SER B 91 -9.07 7.59 -9.96
C SER B 91 -8.36 6.26 -9.80
N ALA B 92 -7.03 6.28 -9.87
CA ALA B 92 -6.23 5.06 -9.87
C ALA B 92 -4.74 5.39 -9.88
N ILE B 93 -3.89 4.37 -9.90
CA ILE B 93 -2.45 4.53 -10.11
C ILE B 93 -2.13 4.12 -11.54
N TYR B 94 -1.33 4.94 -12.23
CA TYR B 94 -1.01 4.74 -13.63
C TYR B 94 0.47 4.48 -13.77
N TYR B 95 0.80 3.29 -14.27
CA TYR B 95 2.17 2.85 -14.44
C TYR B 95 2.58 3.06 -15.89
N CYS B 96 3.84 3.44 -16.10
CA CYS B 96 4.51 3.34 -17.39
C CYS B 96 5.55 2.23 -17.31
N ALA B 97 5.53 1.31 -18.28
CA ALA B 97 6.39 0.15 -18.26
C ALA B 97 7.08 0.07 -19.60
N ARG B 98 8.40 0.25 -19.61
CA ARG B 98 9.17 0.07 -20.83
C ARG B 98 9.00 -1.36 -21.34
N GLN B 99 8.82 -1.49 -22.65
CA GLN B 99 8.74 -2.79 -23.27
C GLN B 99 10.15 -3.34 -23.47
N GLY B 100 10.47 -4.43 -22.80
CA GLY B 100 11.73 -5.10 -22.99
C GLY B 100 11.69 -6.10 -24.11
N THR B 101 12.83 -6.74 -24.33
CA THR B 101 12.93 -7.77 -25.36
C THR B 101 11.88 -8.85 -25.17
N TRP B 102 11.68 -9.31 -23.92
CA TRP B 102 10.82 -10.44 -23.61
C TRP B 102 9.64 -10.12 -22.71
N TYR B 103 9.58 -8.93 -22.10
CA TYR B 103 8.50 -8.58 -21.18
C TYR B 103 8.66 -7.13 -20.72
N PHE B 104 7.72 -6.63 -19.92
CA PHE B 104 7.83 -5.28 -19.38
C PHE B 104 8.92 -5.30 -18.31
N ASP B 105 10.08 -4.69 -18.62
CA ASP B 105 11.29 -4.92 -17.82
C ASP B 105 11.67 -3.78 -16.88
N VAL B 106 11.25 -2.55 -17.16
CA VAL B 106 11.39 -1.45 -16.22
C VAL B 106 10.01 -0.82 -16.07
N TRP B 107 9.68 -0.41 -14.85
CA TRP B 107 8.41 0.23 -14.55
C TRP B 107 8.68 1.50 -13.77
N GLY B 108 7.86 2.52 -14.01
CA GLY B 108 7.85 3.68 -13.15
C GLY B 108 7.22 3.38 -11.81
N ALA B 109 7.48 4.24 -10.84
CA ALA B 109 6.87 4.06 -9.54
C ALA B 109 5.37 4.29 -9.56
N GLY B 110 4.81 4.60 -10.73
CA GLY B 110 3.40 4.88 -10.84
C GLY B 110 3.06 6.29 -10.41
N THR B 111 1.99 6.87 -10.96
CA THR B 111 1.49 8.17 -10.55
C THR B 111 0.07 8.00 -10.03
N THR B 112 -0.21 8.61 -8.87
CA THR B 112 -1.53 8.53 -8.24
C THR B 112 -2.40 9.67 -8.76
N VAL B 113 -3.57 9.32 -9.29
CA VAL B 113 -4.51 10.30 -9.85
C VAL B 113 -5.82 10.18 -9.08
N THR B 114 -6.14 11.23 -8.32
CA THR B 114 -7.40 11.30 -7.58
C THR B 114 -8.25 12.33 -8.30
N VAL B 115 -9.46 11.94 -8.71
CA VAL B 115 -10.38 12.83 -9.43
C VAL B 115 -11.37 13.38 -8.42
N SER B 116 -11.29 14.69 -8.19
CA SER B 116 -12.18 15.34 -7.25
C SER B 116 -12.07 16.85 -7.40
N SER B 117 -13.21 17.53 -7.24
CA SER B 117 -13.25 18.99 -7.33
C SER B 117 -12.70 19.67 -6.09
N ALA B 118 -12.29 18.91 -5.09
CA ALA B 118 -11.90 19.50 -3.83
C ALA B 118 -10.50 20.09 -3.89
N SER B 119 -10.22 20.96 -2.92
CA SER B 119 -8.92 21.59 -2.80
C SER B 119 -7.98 20.71 -2.00
N THR B 120 -6.68 20.81 -2.30
CA THR B 120 -5.69 20.03 -1.56
C THR B 120 -5.74 20.40 -0.07
N LYS B 121 -5.21 19.50 0.77
CA LYS B 121 -5.32 19.67 2.22
C LYS B 121 -4.14 18.93 2.82
N GLY B 122 -3.27 19.65 3.53
CA GLY B 122 -2.09 19.08 4.11
C GLY B 122 -2.33 18.57 5.51
N PRO B 123 -1.64 17.50 5.88
CA PRO B 123 -1.98 16.79 7.12
C PRO B 123 -1.71 17.64 8.35
N SER B 124 -2.34 17.25 9.46
CA SER B 124 -1.84 17.54 10.79
C SER B 124 -1.11 16.31 11.30
N VAL B 125 0.04 16.54 11.95
CA VAL B 125 0.85 15.45 12.49
C VAL B 125 0.80 15.55 14.01
N PHE B 126 0.25 14.52 14.65
CA PHE B 126 0.19 14.46 16.10
C PHE B 126 1.03 13.30 16.63
N PRO B 127 1.65 13.46 17.80
CA PRO B 127 2.51 12.42 18.32
C PRO B 127 1.72 11.31 19.00
N LEU B 128 2.25 10.10 18.89
CA LEU B 128 1.81 8.95 19.66
C LEU B 128 2.96 8.62 20.62
N ALA B 129 3.02 9.35 21.72
CA ALA B 129 4.17 9.25 22.61
C ALA B 129 4.24 7.88 23.27
N PRO B 130 5.46 7.41 23.56
CA PRO B 130 5.60 6.11 24.24
C PRO B 130 5.46 6.26 25.75
N SER B 131 4.62 5.43 26.34
CA SER B 131 4.39 5.38 27.77
C SER B 131 4.39 3.91 28.19
N SER B 132 4.12 3.67 29.48
CA SER B 132 3.98 2.30 29.94
C SER B 132 2.84 1.58 29.22
N LYS B 133 1.81 2.32 28.81
CA LYS B 133 0.72 1.75 28.03
C LYS B 133 1.18 1.26 26.66
N SER B 134 2.45 1.50 26.31
CA SER B 134 2.94 1.14 24.99
C SER B 134 4.25 0.35 25.06
N THR B 135 4.57 -0.26 26.20
CA THR B 135 5.81 -0.98 26.39
C THR B 135 5.54 -2.44 26.73
N SER B 136 6.46 -3.32 26.32
CA SER B 136 6.36 -4.75 26.63
C SER B 136 7.71 -5.36 26.34
N GLY B 137 8.34 -5.92 27.38
CA GLY B 137 9.64 -6.52 27.22
C GLY B 137 10.71 -5.48 26.95
N GLY B 138 10.70 -4.41 27.72
CA GLY B 138 11.73 -3.39 27.59
C GLY B 138 11.87 -2.79 26.21
N THR B 139 10.80 -2.86 25.41
CA THR B 139 10.71 -2.15 24.14
C THR B 139 9.44 -1.33 24.16
N ALA B 140 9.52 -0.09 23.68
CA ALA B 140 8.39 0.83 23.69
C ALA B 140 7.98 1.17 22.27
N ALA B 141 6.66 1.26 22.04
CA ALA B 141 6.12 1.69 20.77
C ALA B 141 5.89 3.19 20.78
N LEU B 142 6.19 3.84 19.66
CA LEU B 142 5.92 5.25 19.48
C LEU B 142 5.55 5.46 18.02
N GLY B 143 4.94 6.60 17.73
CA GLY B 143 4.50 6.82 16.36
C GLY B 143 3.96 8.22 16.16
N CYS B 144 3.52 8.46 14.91
CA CYS B 144 2.93 9.72 14.49
C CYS B 144 1.56 9.44 13.88
N LEU B 145 0.65 10.39 14.06
CA LEU B 145 -0.70 10.31 13.54
C LEU B 145 -0.88 11.40 12.50
N VAL B 146 -1.00 11.02 11.23
CA VAL B 146 -1.00 11.96 10.11
C VAL B 146 -2.46 12.13 9.70
N LYS B 147 -3.11 13.14 10.25
CA LYS B 147 -4.56 13.24 10.22
C LYS B 147 -5.05 14.33 9.30
N ASP B 148 -6.09 14.00 8.53
CA ASP B 148 -6.92 14.95 7.80
C ASP B 148 -6.10 15.63 6.69
N TYR B 149 -5.72 14.79 5.73
CA TYR B 149 -5.13 15.31 4.50
C TYR B 149 -5.92 14.86 3.27
N PHE B 150 -5.58 15.46 2.09
CA PHE B 150 -6.24 15.11 0.82
C PHE B 150 -5.38 15.67 -0.29
N PRO B 151 -5.11 14.90 -1.36
CA PRO B 151 -5.49 13.50 -1.59
C PRO B 151 -4.41 12.54 -1.09
N GLU B 152 -4.48 11.26 -1.46
CA GLU B 152 -3.34 10.37 -1.32
C GLU B 152 -2.29 10.76 -2.38
N PRO B 153 -1.02 10.51 -2.10
CA PRO B 153 -0.49 9.85 -0.90
C PRO B 153 0.30 10.80 0.01
N VAL B 154 0.64 10.35 1.22
CA VAL B 154 1.70 10.94 2.01
C VAL B 154 2.77 9.86 2.16
N THR B 155 4.01 10.28 2.39
CA THR B 155 5.10 9.37 2.71
C THR B 155 5.65 9.73 4.08
N VAL B 156 5.99 8.72 4.87
CA VAL B 156 6.50 8.90 6.22
C VAL B 156 7.85 8.21 6.31
N SER B 157 8.80 8.87 6.97
CA SER B 157 10.09 8.30 7.27
C SER B 157 10.47 8.72 8.69
N TRP B 158 11.40 7.98 9.28
CA TRP B 158 11.84 8.23 10.65
C TRP B 158 13.31 8.58 10.64
N ASN B 159 13.67 9.69 11.29
CA ASN B 159 15.04 10.18 11.34
C ASN B 159 15.64 10.22 9.95
N SER B 160 14.98 10.98 9.09
CA SER B 160 15.34 11.16 7.67
C SER B 160 15.84 9.88 7.02
N GLY B 161 15.28 8.73 7.42
CA GLY B 161 15.61 7.46 6.82
C GLY B 161 16.57 6.61 7.62
N ALA B 162 17.19 7.15 8.67
CA ALA B 162 18.18 6.40 9.42
C ALA B 162 17.55 5.32 10.29
N LEU B 163 16.27 5.43 10.61
CA LEU B 163 15.54 4.44 11.40
C LEU B 163 14.54 3.75 10.47
N THR B 164 14.66 2.47 10.36
CA THR B 164 13.84 1.66 9.47
C THR B 164 13.40 0.31 10.04
N SER B 165 14.15 -0.33 10.92
CA SER B 165 13.69 -1.52 11.60
C SER B 165 12.62 -1.16 12.61
N GLY B 166 11.59 -1.98 12.67
CA GLY B 166 10.51 -1.80 13.60
C GLY B 166 9.45 -0.81 13.18
N VAL B 167 9.57 -0.21 11.99
CA VAL B 167 8.62 0.80 11.55
C VAL B 167 7.48 0.12 10.80
N HIS B 168 6.25 0.44 11.21
CA HIS B 168 5.04 0.03 10.50
C HIS B 168 4.29 1.28 10.09
N THR B 169 4.09 1.47 8.79
CA THR B 169 3.29 2.57 8.25
C THR B 169 2.01 1.98 7.66
N PHE B 170 0.87 2.30 8.29
CA PHE B 170 -0.37 1.65 7.94
C PHE B 170 -1.04 2.32 6.76
N PRO B 171 -1.77 1.55 5.96
CA PRO B 171 -2.56 2.15 4.88
C PRO B 171 -3.49 3.26 5.41
N ALA B 172 -3.67 4.29 4.59
CA ALA B 172 -4.57 5.37 4.94
C ALA B 172 -6.00 4.85 5.03
N VAL B 173 -6.79 5.46 5.91
CA VAL B 173 -8.22 5.19 6.02
C VAL B 173 -8.95 6.45 5.60
N LEU B 174 -10.00 6.28 4.78
CA LEU B 174 -10.84 7.40 4.39
C LEU B 174 -11.82 7.64 5.53
N GLN B 175 -11.85 8.86 6.04
CA GLN B 175 -12.72 9.20 7.16
C GLN B 175 -14.09 9.62 6.64
N SER B 176 -15.04 9.80 7.58
CA SER B 176 -16.37 10.22 7.19
C SER B 176 -16.36 11.63 6.61
N SER B 177 -15.42 12.47 7.05
CA SER B 177 -15.29 13.82 6.52
C SER B 177 -14.91 13.83 5.05
N GLY B 178 -14.41 12.72 4.53
CA GLY B 178 -13.89 12.68 3.17
C GLY B 178 -12.41 12.98 3.06
N LEU B 179 -11.69 12.98 4.18
CA LEU B 179 -10.26 13.21 4.22
C LEU B 179 -9.57 11.96 4.74
N TYR B 180 -8.27 11.86 4.47
CA TYR B 180 -7.53 10.67 4.84
C TYR B 180 -6.82 10.84 6.18
N SER B 181 -6.36 9.73 6.73
CA SER B 181 -5.69 9.70 8.02
C SER B 181 -4.97 8.36 8.14
N LEU B 182 -3.70 8.37 8.52
CA LEU B 182 -2.96 7.13 8.68
C LEU B 182 -2.03 7.22 9.89
N SER B 183 -1.37 6.11 10.18
CA SER B 183 -0.51 5.96 11.34
C SER B 183 0.83 5.35 10.95
N SER B 184 1.89 5.87 11.54
CA SER B 184 3.22 5.28 11.44
C SER B 184 3.75 5.10 12.86
N VAL B 185 4.13 3.87 13.20
CA VAL B 185 4.68 3.56 14.52
C VAL B 185 6.05 2.92 14.32
N VAL B 186 6.89 3.04 15.34
CA VAL B 186 8.16 2.33 15.39
C VAL B 186 8.33 1.76 16.79
N THR B 187 8.86 0.54 16.87
CA THR B 187 9.20 -0.09 18.14
CA THR B 187 9.19 -0.07 18.15
C THR B 187 10.69 0.08 18.40
N VAL B 188 11.04 0.58 19.59
CA VAL B 188 12.43 0.88 19.93
C VAL B 188 12.69 0.38 21.34
N PRO B 189 13.94 0.32 21.81
CA PRO B 189 14.20 -0.14 23.18
C PRO B 189 13.87 0.93 24.20
N SER B 190 13.26 0.50 25.31
CA SER B 190 12.86 1.44 26.35
C SER B 190 14.06 2.27 26.82
N SER B 191 15.26 1.68 26.77
CA SER B 191 16.44 2.39 27.24
C SER B 191 16.88 3.51 26.30
N SER B 192 16.37 3.54 25.07
CA SER B 192 16.79 4.56 24.13
C SER B 192 16.07 5.88 24.38
N LEU B 193 14.87 5.84 24.94
CA LEU B 193 14.14 7.07 25.21
C LEU B 193 14.92 7.93 26.21
N GLY B 194 14.82 9.25 26.02
CA GLY B 194 15.61 10.15 26.84
C GLY B 194 16.95 10.47 26.21
N THR B 195 17.51 9.48 25.50
CA THR B 195 18.81 9.64 24.87
C THR B 195 18.69 9.84 23.36
N GLN B 196 18.02 8.92 22.66
CA GLN B 196 17.94 8.92 21.20
C GLN B 196 16.57 9.46 20.78
N THR B 197 16.55 10.73 20.38
CA THR B 197 15.36 11.38 19.88
C THR B 197 14.85 10.69 18.61
N TYR B 198 13.57 10.93 18.33
CA TYR B 198 12.91 10.34 17.16
C TYR B 198 12.04 11.37 16.44
N ILE B 199 12.39 11.68 15.15
CA ILE B 199 11.55 12.47 14.25
C ILE B 199 10.69 11.55 13.42
N CYS B 200 9.54 12.03 12.97
CA CYS B 200 8.83 11.47 11.85
C CYS B 200 8.73 12.54 10.77
N ASN B 201 9.11 12.19 9.55
CA ASN B 201 9.15 13.14 8.44
C ASN B 201 8.02 12.81 7.46
N VAL B 202 7.08 13.74 7.33
CA VAL B 202 5.89 13.54 6.52
C VAL B 202 5.97 14.47 5.32
N ASN B 203 5.78 13.92 4.13
CA ASN B 203 5.76 14.69 2.89
CA ASN B 203 5.76 14.68 2.89
C ASN B 203 4.43 14.43 2.19
N HIS B 204 3.73 15.52 1.85
CA HIS B 204 2.46 15.47 1.11
C HIS B 204 2.68 16.35 -0.12
N LYS B 205 3.16 15.74 -1.20
CA LYS B 205 3.51 16.51 -2.39
C LYS B 205 2.34 17.29 -2.98
N PRO B 206 1.08 16.83 -2.90
CA PRO B 206 -0.01 17.60 -3.54
C PRO B 206 -0.29 18.93 -2.86
N SER B 207 0.02 19.06 -1.56
CA SER B 207 -0.15 20.31 -0.86
C SER B 207 1.17 21.00 -0.57
N ASN B 208 2.29 20.45 -1.05
CA ASN B 208 3.61 21.05 -0.84
C ASN B 208 3.92 21.16 0.65
N THR B 209 3.52 20.14 1.41
CA THR B 209 3.70 20.12 2.84
C THR B 209 4.84 19.18 3.23
N LYS B 210 5.81 19.71 3.96
CA LYS B 210 6.82 18.93 4.66
C LYS B 210 6.60 19.11 6.17
N VAL B 211 6.81 18.05 6.94
CA VAL B 211 6.66 18.17 8.39
C VAL B 211 7.64 17.22 9.06
N ASP B 212 8.39 17.75 10.03
CA ASP B 212 9.11 16.97 11.02
C ASP B 212 8.38 17.12 12.35
N LYS B 213 8.23 16.02 13.08
CA LYS B 213 7.58 16.03 14.38
C LYS B 213 8.37 15.15 15.34
N ARG B 214 8.84 15.75 16.43
CA ARG B 214 9.62 15.06 17.46
C ARG B 214 8.69 14.43 18.48
N VAL B 215 8.88 13.15 18.72
CA VAL B 215 7.99 12.36 19.56
C VAL B 215 8.70 12.15 20.90
N GLU B 216 8.32 12.95 21.92
CA GLU B 216 8.93 12.91 23.24
C GLU B 216 8.14 12.00 24.16
N PRO B 217 8.83 11.31 25.09
CA PRO B 217 8.11 10.36 25.96
C PRO B 217 7.32 11.08 27.04
N LYS B 218 6.69 10.32 27.92
CA LYS B 218 5.94 10.83 29.06
C LYS B 218 6.16 9.88 30.23
N ALA B 219 6.26 10.44 31.44
CA ALA B 219 6.61 9.66 32.62
C ALA B 219 5.83 8.36 32.72
#